data_5LLU
#
_entry.id   5LLU
#
_cell.length_a   123.320
_cell.length_b   123.320
_cell.length_c   89.570
_cell.angle_alpha   90.00
_cell.angle_beta   90.00
_cell.angle_gamma   120.00
#
_symmetry.space_group_name_H-M   'P 63'
#
loop_
_entity.id
_entity.type
_entity.pdbx_description
1 polymer 'Excitatory amino acid transporter 1,Neutral amino acid transporter B(0),Excitatory amino acid transporter 1'
2 non-polymer 'SODIUM ION'
3 non-polymer 'ASPARTIC ACID'
#
_entity_poly.entity_id   1
_entity_poly.type   'polypeptide(L)'
_entity_poly.pdbx_seq_one_letter_code
;MTKSNGEEPKMGGRMERFQQGVSKRTLLAKKKVQNITKEDVKSFLRRNALLLLTVLAVILGVVLGFLLRPYPLSPREVKY
FAFPGELLMRMLKMLILPLIVSSLITGLASLDAKASGRLGMRAVVYYMSTTIIAVVLGIILVLIIHPGAASAAITASVGA
AGSAENAPSKEVLDCFLDLARNIFPSNLVSAAFRSYSTTYEERTITGTRVKVPVGQEVEGMNILGLVVFSIVFGIALGKM
GEQGQLLVDFFNSLNEATMKLVAIIMWYAPLGILFLIAGKIVEMEDLEVLGGQLGMYMVTVIVGLVIHGLIVLPLIYFLI
TRKNPFVFIAGILQALITALGTSSSSATLPITFKCLEENNGVDKRITRFVLPVGATINMDGTALYEAVAAIFIAQVNNYE
LDFGQIITISITATAASIGAAGIPQAGLVTMVIVLTAVGLPTDDITLIIAVDWLLDRFRTMVNVLGDALGAGIVEHLSRK
ELEKQDAELGNSVIEENEMKKPYQLIAQDNETEKPIDSETKM
;
_entity_poly.pdbx_strand_id   A
#
# COMPACT_ATOMS: atom_id res chain seq x y z
N GLU A 39 -28.81 17.70 -15.66
CA GLU A 39 -28.29 19.00 -16.10
C GLU A 39 -26.84 19.23 -15.67
N ASP A 40 -26.52 18.91 -14.41
CA ASP A 40 -25.20 19.09 -13.78
C ASP A 40 -24.16 18.00 -14.12
N VAL A 41 -24.53 16.98 -14.93
CA VAL A 41 -23.65 15.88 -15.29
C VAL A 41 -22.60 16.31 -16.35
N LYS A 42 -22.84 17.41 -17.10
CA LYS A 42 -21.91 17.92 -18.10
C LYS A 42 -20.65 18.52 -17.46
N SER A 43 -20.82 19.28 -16.35
CA SER A 43 -19.73 19.88 -15.57
C SER A 43 -18.96 18.78 -14.83
N PHE A 44 -19.64 17.67 -14.49
CA PHE A 44 -19.08 16.49 -13.82
C PHE A 44 -18.15 15.72 -14.75
N LEU A 45 -18.42 15.76 -16.08
CA LEU A 45 -17.61 15.12 -17.10
C LEU A 45 -16.37 15.96 -17.44
N ARG A 46 -16.53 17.30 -17.41
CA ARG A 46 -15.46 18.27 -17.69
C ARG A 46 -14.41 18.31 -16.58
N ARG A 47 -14.86 18.34 -15.29
CA ARG A 47 -14.00 18.43 -14.11
C ARG A 47 -13.27 17.11 -13.76
N ASN A 48 -14.03 15.99 -13.65
CA ASN A 48 -13.51 14.65 -13.30
C ASN A 48 -13.03 13.86 -14.54
N ALA A 49 -12.53 14.57 -15.59
CA ALA A 49 -12.05 14.02 -16.86
C ALA A 49 -11.01 12.91 -16.71
N LEU A 50 -9.94 13.14 -15.92
CA LEU A 50 -8.90 12.14 -15.71
C LEU A 50 -9.41 10.97 -14.84
N LEU A 51 -10.26 11.24 -13.84
CA LEU A 51 -10.83 10.21 -12.97
C LEU A 51 -11.74 9.27 -13.75
N LEU A 52 -12.63 9.84 -14.59
CA LEU A 52 -13.56 9.07 -15.41
C LEU A 52 -12.88 8.23 -16.47
N LEU A 53 -11.75 8.73 -17.05
CA LEU A 53 -10.96 8.00 -18.04
C LEU A 53 -10.32 6.73 -17.46
N THR A 54 -9.97 6.76 -16.16
CA THR A 54 -9.39 5.63 -15.44
C THR A 54 -10.47 4.63 -15.00
N VAL A 55 -11.73 5.11 -14.80
CA VAL A 55 -12.86 4.24 -14.45
C VAL A 55 -13.21 3.45 -15.71
N LEU A 56 -13.29 4.18 -16.86
CA LEU A 56 -13.56 3.67 -18.21
C LEU A 56 -12.47 2.67 -18.62
N ALA A 57 -11.22 2.89 -18.14
CA ALA A 57 -10.05 2.05 -18.38
C ALA A 57 -10.26 0.66 -17.77
N VAL A 58 -10.94 0.61 -16.60
CA VAL A 58 -11.25 -0.65 -15.91
C VAL A 58 -12.41 -1.34 -16.63
N ILE A 59 -13.52 -0.60 -16.89
CA ILE A 59 -14.72 -1.08 -17.57
C ILE A 59 -14.39 -1.64 -18.97
N LEU A 60 -13.63 -0.88 -19.77
CA LEU A 60 -13.22 -1.28 -21.12
C LEU A 60 -12.08 -2.32 -21.10
N GLY A 61 -11.24 -2.27 -20.07
CA GLY A 61 -10.12 -3.20 -19.87
C GLY A 61 -10.56 -4.62 -19.58
N VAL A 62 -11.67 -4.78 -18.81
CA VAL A 62 -12.26 -6.08 -18.47
C VAL A 62 -12.90 -6.67 -19.75
N VAL A 63 -13.58 -5.80 -20.55
CA VAL A 63 -14.24 -6.14 -21.82
C VAL A 63 -13.22 -6.65 -22.86
N LEU A 64 -12.12 -5.90 -23.06
CA LEU A 64 -11.02 -6.21 -23.98
C LEU A 64 -10.38 -7.59 -23.70
N GLY A 65 -10.10 -7.87 -22.41
CA GLY A 65 -9.50 -9.11 -21.95
C GLY A 65 -10.31 -10.36 -22.23
N PHE A 66 -11.63 -10.31 -21.91
CA PHE A 66 -12.56 -11.42 -22.12
C PHE A 66 -12.83 -11.69 -23.61
N LEU A 67 -12.66 -10.65 -24.44
CA LEU A 67 -12.81 -10.70 -25.90
C LEU A 67 -11.60 -11.46 -26.48
N LEU A 68 -10.37 -11.14 -26.00
CA LEU A 68 -9.12 -11.73 -26.45
C LEU A 68 -8.71 -13.05 -25.74
N ARG A 69 -9.39 -13.42 -24.64
CA ARG A 69 -9.10 -14.63 -23.85
C ARG A 69 -9.17 -15.97 -24.62
N PRO A 70 -10.16 -16.29 -25.51
CA PRO A 70 -10.18 -17.61 -26.16
C PRO A 70 -9.03 -17.92 -27.13
N TYR A 71 -8.43 -16.86 -27.71
CA TYR A 71 -7.34 -16.90 -28.70
C TYR A 71 -6.02 -17.54 -28.13
N PRO A 72 -5.04 -17.97 -28.99
CA PRO A 72 -3.80 -18.56 -28.44
C PRO A 72 -3.10 -17.70 -27.38
N LEU A 73 -3.19 -18.18 -26.13
CA LEU A 73 -2.69 -17.53 -24.90
C LEU A 73 -1.16 -17.67 -24.71
N SER A 74 -0.35 -17.60 -25.81
CA SER A 74 1.12 -17.73 -25.77
C SER A 74 1.74 -16.81 -24.73
N PRO A 75 2.63 -17.34 -23.84
CA PRO A 75 3.22 -16.50 -22.77
C PRO A 75 3.97 -15.25 -23.27
N ARG A 76 4.69 -15.38 -24.41
CA ARG A 76 5.43 -14.28 -25.05
C ARG A 76 4.44 -13.26 -25.61
N GLU A 77 3.31 -13.74 -26.15
CA GLU A 77 2.23 -12.93 -26.73
C GLU A 77 1.46 -12.15 -25.64
N VAL A 78 1.24 -12.78 -24.46
CA VAL A 78 0.54 -12.19 -23.33
C VAL A 78 1.39 -11.01 -22.80
N LYS A 79 2.72 -11.20 -22.73
CA LYS A 79 3.69 -10.19 -22.30
C LYS A 79 3.68 -8.97 -23.23
N TYR A 80 3.54 -9.22 -24.55
CA TYR A 80 3.49 -8.19 -25.60
C TYR A 80 2.20 -7.39 -25.53
N PHE A 81 1.08 -8.10 -25.30
CA PHE A 81 -0.26 -7.53 -25.19
C PHE A 81 -0.37 -6.63 -23.97
N ALA A 82 0.15 -7.10 -22.82
CA ALA A 82 0.12 -6.36 -21.57
C ALA A 82 1.16 -5.25 -21.48
N PHE A 83 2.12 -5.17 -22.43
CA PHE A 83 3.20 -4.17 -22.47
C PHE A 83 2.77 -2.71 -22.19
N PRO A 84 1.67 -2.11 -22.74
CA PRO A 84 1.34 -0.73 -22.36
C PRO A 84 1.05 -0.55 -20.87
N GLY A 85 0.77 -1.67 -20.18
CA GLY A 85 0.56 -1.72 -18.74
C GLY A 85 1.88 -1.86 -18.01
N GLU A 86 2.86 -2.51 -18.67
CA GLU A 86 4.22 -2.73 -18.18
C GLU A 86 4.98 -1.41 -18.21
N LEU A 87 4.70 -0.56 -19.23
CA LEU A 87 5.33 0.76 -19.34
C LEU A 87 4.87 1.69 -18.22
N LEU A 88 3.61 1.57 -17.77
CA LEU A 88 3.11 2.38 -16.66
C LEU A 88 3.78 1.93 -15.37
N MET A 89 3.93 0.61 -15.19
CA MET A 89 4.58 -0.01 -14.04
C MET A 89 6.01 0.49 -13.86
N ARG A 90 6.79 0.58 -14.97
CA ARG A 90 8.18 1.07 -14.97
C ARG A 90 8.22 2.54 -14.54
N MET A 91 7.31 3.38 -15.07
CA MET A 91 7.20 4.82 -14.76
C MET A 91 6.94 5.04 -13.29
N LEU A 92 6.02 4.26 -12.70
CA LEU A 92 5.62 4.33 -11.31
C LEU A 92 6.70 3.81 -10.38
N LYS A 93 7.34 2.67 -10.73
CA LYS A 93 8.43 2.05 -9.95
C LYS A 93 9.60 3.03 -9.83
N MET A 94 9.92 3.72 -10.94
CA MET A 94 10.98 4.72 -11.10
C MET A 94 10.98 5.78 -9.99
N LEU A 95 9.82 6.41 -9.76
CA LEU A 95 9.63 7.46 -8.79
C LEU A 95 9.50 7.03 -7.31
N ILE A 96 9.35 5.73 -7.00
CA ILE A 96 9.18 5.31 -5.60
C ILE A 96 10.45 5.63 -4.77
N LEU A 97 11.65 5.28 -5.27
CA LEU A 97 12.92 5.54 -4.57
C LEU A 97 13.15 7.03 -4.28
N PRO A 98 13.09 7.99 -5.25
CA PRO A 98 13.29 9.40 -4.89
C PRO A 98 12.15 9.96 -4.06
N LEU A 99 11.02 9.23 -3.95
CA LEU A 99 9.88 9.65 -3.15
C LEU A 99 10.06 9.24 -1.70
N ILE A 100 10.09 7.91 -1.42
CA ILE A 100 10.28 7.31 -0.08
C ILE A 100 11.42 8.00 0.71
N VAL A 101 12.61 8.11 0.07
CA VAL A 101 13.84 8.71 0.62
C VAL A 101 13.65 10.22 0.93
N SER A 102 13.26 11.04 -0.06
CA SER A 102 13.07 12.48 0.13
C SER A 102 11.90 12.85 1.04
N SER A 103 10.84 12.02 1.07
CA SER A 103 9.65 12.26 1.87
C SER A 103 9.94 12.11 3.37
N LEU A 104 10.56 11.00 3.78
CA LEU A 104 10.85 10.75 5.19
C LEU A 104 11.97 11.62 5.75
N ILE A 105 13.02 11.91 4.95
CA ILE A 105 14.13 12.76 5.40
C ILE A 105 13.60 14.18 5.74
N THR A 106 12.75 14.78 4.88
CA THR A 106 12.17 16.10 5.17
C THR A 106 11.04 16.00 6.18
N GLY A 107 10.24 14.94 6.08
CA GLY A 107 9.09 14.68 6.94
C GLY A 107 9.41 14.66 8.42
N LEU A 108 10.54 14.01 8.80
CA LEU A 108 10.97 13.90 10.20
C LEU A 108 11.87 15.05 10.66
N ALA A 109 12.55 15.76 9.73
CA ALA A 109 13.41 16.90 10.04
C ALA A 109 12.62 18.22 10.14
N SER A 110 11.47 18.33 9.42
CA SER A 110 10.62 19.52 9.41
C SER A 110 9.64 19.57 10.60
N LEU A 111 9.73 18.60 11.51
CA LEU A 111 8.88 18.48 12.69
C LEU A 111 9.73 18.57 13.96
N ASP A 112 9.11 19.01 15.08
CA ASP A 112 9.79 19.14 16.38
C ASP A 112 10.17 17.77 16.94
N ALA A 113 11.18 17.73 17.85
CA ALA A 113 11.71 16.51 18.48
C ALA A 113 10.62 15.54 18.96
N LYS A 114 9.83 15.94 19.97
CA LYS A 114 8.75 15.10 20.50
C LYS A 114 7.53 15.09 19.57
N ALA A 115 7.32 16.17 18.78
CA ALA A 115 6.21 16.25 17.82
C ALA A 115 6.34 15.16 16.75
N SER A 116 7.60 14.82 16.36
CA SER A 116 7.93 13.76 15.41
C SER A 116 7.55 12.41 16.01
N GLY A 117 7.78 12.26 17.33
CA GLY A 117 7.44 11.07 18.09
C GLY A 117 5.95 10.91 18.30
N ARG A 118 5.24 12.04 18.47
CA ARG A 118 3.78 12.09 18.67
C ARG A 118 3.07 11.70 17.37
N LEU A 119 3.50 12.29 16.24
CA LEU A 119 2.98 12.00 14.89
C LEU A 119 3.16 10.52 14.57
N GLY A 120 4.31 9.97 14.98
CA GLY A 120 4.67 8.57 14.81
C GLY A 120 3.83 7.68 15.69
N MET A 121 3.67 8.05 16.98
CA MET A 121 2.86 7.32 17.96
C MET A 121 1.42 7.21 17.48
N ARG A 122 0.84 8.33 16.96
CA ARG A 122 -0.51 8.39 16.41
C ARG A 122 -0.64 7.41 15.23
N ALA A 123 0.36 7.40 14.33
CA ALA A 123 0.41 6.52 13.17
C ALA A 123 0.50 5.05 13.58
N VAL A 124 1.48 4.69 14.46
CA VAL A 124 1.70 3.33 14.97
C VAL A 124 0.46 2.79 15.70
N VAL A 125 -0.18 3.62 16.56
CA VAL A 125 -1.41 3.27 17.29
C VAL A 125 -2.54 2.99 16.30
N TYR A 126 -2.66 3.83 15.27
CA TYR A 126 -3.66 3.70 14.21
C TYR A 126 -3.41 2.43 13.38
N TYR A 127 -2.15 2.17 13.00
CA TYR A 127 -1.73 1.02 12.17
C TYR A 127 -2.03 -0.34 12.81
N MET A 128 -1.57 -0.52 14.07
CA MET A 128 -1.72 -1.75 14.85
C MET A 128 -3.17 -2.05 15.26
N SER A 129 -4.00 -1.02 15.45
CA SER A 129 -5.41 -1.21 15.79
C SER A 129 -6.20 -1.65 14.56
N THR A 130 -5.97 -1.00 13.40
CA THR A 130 -6.62 -1.31 12.11
C THR A 130 -6.27 -2.70 11.59
N THR A 131 -4.99 -3.12 11.75
CA THR A 131 -4.53 -4.46 11.37
C THR A 131 -5.04 -5.53 12.35
N ILE A 132 -5.55 -5.09 13.54
CA ILE A 132 -6.13 -5.96 14.57
C ILE A 132 -7.65 -6.10 14.32
N ILE A 133 -8.31 -5.01 13.88
CA ILE A 133 -9.74 -5.01 13.56
C ILE A 133 -10.01 -5.91 12.35
N ALA A 134 -9.20 -5.77 11.29
CA ALA A 134 -9.27 -6.54 10.04
C ALA A 134 -9.05 -8.06 10.26
N VAL A 135 -8.09 -8.43 11.14
CA VAL A 135 -7.78 -9.82 11.47
C VAL A 135 -8.91 -10.44 12.32
N VAL A 136 -9.57 -9.63 13.19
CA VAL A 136 -10.68 -10.07 14.04
C VAL A 136 -11.93 -10.24 13.15
N LEU A 137 -12.21 -9.26 12.27
CA LEU A 137 -13.33 -9.28 11.33
C LEU A 137 -13.17 -10.43 10.32
N GLY A 138 -11.93 -10.69 9.92
CA GLY A 138 -11.59 -11.76 8.99
C GLY A 138 -11.81 -13.16 9.53
N ILE A 139 -11.41 -13.41 10.81
CA ILE A 139 -11.55 -14.69 11.51
C ILE A 139 -13.03 -15.04 11.73
N ILE A 140 -13.85 -14.07 12.18
CA ILE A 140 -15.28 -14.24 12.43
C ILE A 140 -16.02 -14.67 11.13
N LEU A 141 -15.73 -13.99 10.00
CA LEU A 141 -16.33 -14.26 8.68
C LEU A 141 -16.03 -15.66 8.12
N VAL A 142 -14.77 -16.13 8.23
CA VAL A 142 -14.33 -17.45 7.76
C VAL A 142 -14.93 -18.57 8.64
N LEU A 143 -15.20 -18.27 9.93
CA LEU A 143 -15.83 -19.22 10.84
C LEU A 143 -17.31 -19.38 10.50
N ILE A 144 -17.94 -18.31 9.97
CA ILE A 144 -19.34 -18.30 9.53
C ILE A 144 -19.45 -18.99 8.15
N ILE A 145 -18.59 -18.59 7.18
CA ILE A 145 -18.60 -19.18 5.84
C ILE A 145 -17.59 -20.33 5.75
N GLU A 171 13.10 -23.06 7.13
CA GLU A 171 13.28 -21.83 6.35
C GLU A 171 12.41 -20.65 6.85
N VAL A 172 11.51 -20.90 7.82
CA VAL A 172 10.62 -19.86 8.39
C VAL A 172 11.38 -18.96 9.38
N LEU A 173 12.48 -19.45 9.98
CA LEU A 173 13.33 -18.63 10.85
C LEU A 173 14.15 -17.70 9.94
N ASP A 174 14.58 -18.24 8.77
CA ASP A 174 15.31 -17.51 7.73
C ASP A 174 14.51 -16.31 7.24
N CYS A 175 13.16 -16.37 7.34
CA CYS A 175 12.27 -15.27 6.99
C CYS A 175 12.46 -14.14 7.98
N PHE A 176 12.47 -14.45 9.31
CA PHE A 176 12.67 -13.48 10.39
C PHE A 176 14.05 -12.84 10.32
N LEU A 177 15.07 -13.63 9.96
CA LEU A 177 16.46 -13.17 9.83
C LEU A 177 16.65 -12.28 8.60
N ASP A 178 16.06 -12.65 7.44
CA ASP A 178 16.14 -11.86 6.21
C ASP A 178 15.47 -10.51 6.38
N LEU A 179 14.34 -10.48 7.13
CA LEU A 179 13.60 -9.25 7.44
C LEU A 179 14.50 -8.35 8.30
N ALA A 180 15.09 -8.93 9.38
CA ALA A 180 16.02 -8.25 10.30
C ALA A 180 17.22 -7.69 9.54
N ARG A 181 17.77 -8.50 8.61
CA ARG A 181 18.90 -8.13 7.75
C ARG A 181 18.53 -6.93 6.90
N ASN A 182 17.33 -6.94 6.31
CA ASN A 182 16.83 -5.87 5.45
C ASN A 182 16.52 -4.56 6.20
N ILE A 183 16.13 -4.62 7.50
CA ILE A 183 15.88 -3.41 8.33
C ILE A 183 17.20 -2.61 8.47
N PHE A 184 18.36 -3.33 8.45
CA PHE A 184 19.68 -2.74 8.55
C PHE A 184 20.53 -3.09 7.31
N PRO A 185 20.32 -2.43 6.14
CA PRO A 185 21.11 -2.77 4.93
C PRO A 185 22.61 -2.49 5.04
N SER A 186 23.43 -3.41 4.53
CA SER A 186 24.89 -3.32 4.54
C SER A 186 25.41 -2.31 3.53
N ASN A 187 24.57 -1.93 2.55
CA ASN A 187 24.92 -0.98 1.49
C ASN A 187 23.69 -0.22 0.98
N LEU A 188 23.73 1.12 1.06
CA LEU A 188 22.62 2.00 0.65
C LEU A 188 22.37 2.05 -0.86
N VAL A 189 23.46 2.09 -1.68
CA VAL A 189 23.40 2.12 -3.16
C VAL A 189 22.81 0.80 -3.65
N SER A 190 23.18 -0.31 -3.00
CA SER A 190 22.65 -1.65 -3.27
C SER A 190 21.15 -1.67 -2.91
N ALA A 191 20.81 -1.30 -1.64
CA ALA A 191 19.45 -1.25 -1.08
C ALA A 191 18.42 -0.62 -2.01
N ALA A 192 18.85 0.35 -2.82
CA ALA A 192 18.02 1.06 -3.80
C ALA A 192 17.52 0.19 -4.97
N PHE A 193 18.09 -1.02 -5.16
CA PHE A 193 17.69 -1.91 -6.25
C PHE A 193 17.78 -3.41 -5.88
N ARG A 194 18.20 -3.72 -4.65
CA ARG A 194 18.40 -5.09 -4.16
C ARG A 194 17.85 -5.30 -2.77
N SER A 195 17.27 -6.49 -2.55
CA SER A 195 16.76 -6.94 -1.25
C SER A 195 17.52 -8.21 -0.87
N TYR A 196 17.55 -8.56 0.41
CA TYR A 196 18.23 -9.78 0.86
C TYR A 196 17.24 -10.94 0.92
N SER A 197 17.64 -12.11 0.39
CA SER A 197 16.85 -13.33 0.42
C SER A 197 17.77 -14.56 0.41
N THR A 198 18.17 -15.01 1.61
CA THR A 198 19.09 -16.13 1.85
C THR A 198 18.61 -17.42 1.11
N THR A 199 19.57 -18.19 0.57
CA THR A 199 19.33 -19.42 -0.19
C THR A 199 20.05 -20.63 0.42
N GLN A 216 22.74 -14.60 -2.55
CA GLN A 216 21.78 -14.42 -1.46
C GLN A 216 21.08 -13.03 -1.46
N GLU A 217 21.49 -12.12 -2.37
CA GLU A 217 20.87 -10.81 -2.49
C GLU A 217 20.09 -10.68 -3.82
N VAL A 218 18.76 -10.95 -3.76
CA VAL A 218 17.82 -10.89 -4.89
C VAL A 218 17.60 -9.45 -5.40
N GLU A 219 17.29 -9.29 -6.70
CA GLU A 219 17.04 -7.99 -7.31
C GLU A 219 15.64 -7.50 -6.94
N GLY A 220 15.51 -6.19 -6.81
CA GLY A 220 14.29 -5.54 -6.40
C GLY A 220 14.53 -4.75 -5.13
N MET A 221 14.25 -3.44 -5.17
CA MET A 221 14.43 -2.46 -4.09
C MET A 221 14.06 -2.95 -2.68
N ASN A 222 14.88 -2.60 -1.69
CA ASN A 222 14.65 -2.89 -0.27
C ASN A 222 13.98 -1.64 0.30
N ILE A 223 12.63 -1.54 0.11
CA ILE A 223 11.82 -0.40 0.56
C ILE A 223 11.93 -0.21 2.08
N LEU A 224 11.71 -1.28 2.85
CA LEU A 224 11.79 -1.29 4.31
C LEU A 224 13.13 -0.75 4.83
N GLY A 225 14.24 -1.23 4.27
CA GLY A 225 15.59 -0.81 4.61
C GLY A 225 15.85 0.66 4.36
N LEU A 226 15.22 1.22 3.30
CA LEU A 226 15.31 2.63 2.92
C LEU A 226 14.37 3.49 3.78
N VAL A 227 13.17 2.96 4.13
CA VAL A 227 12.18 3.63 5.00
C VAL A 227 12.84 3.82 6.38
N VAL A 228 13.49 2.75 6.93
CA VAL A 228 14.20 2.76 8.21
C VAL A 228 15.28 3.82 8.17
N PHE A 229 16.30 3.65 7.30
CA PHE A 229 17.42 4.59 7.14
C PHE A 229 16.96 6.05 6.94
N SER A 230 15.95 6.30 6.09
CA SER A 230 15.43 7.65 5.86
C SER A 230 14.88 8.28 7.15
N ILE A 231 14.15 7.47 7.98
CA ILE A 231 13.57 7.91 9.27
C ILE A 231 14.69 8.35 10.22
N VAL A 232 15.74 7.52 10.37
CA VAL A 232 16.89 7.82 11.23
C VAL A 232 17.69 9.02 10.70
N PHE A 233 17.82 9.12 9.36
CA PHE A 233 18.53 10.21 8.71
C PHE A 233 17.77 11.54 8.89
N GLY A 234 16.44 11.48 8.84
CA GLY A 234 15.56 12.62 9.03
C GLY A 234 15.70 13.19 10.43
N ILE A 235 15.70 12.29 11.42
CA ILE A 235 15.90 12.57 12.85
C ILE A 235 17.28 13.24 13.06
N ALA A 236 18.33 12.73 12.39
CA ALA A 236 19.70 13.23 12.47
C ALA A 236 19.83 14.66 11.96
N LEU A 237 19.08 15.03 10.89
CA LEU A 237 19.10 16.39 10.35
C LEU A 237 18.31 17.32 11.26
N GLY A 238 17.28 16.77 11.90
CA GLY A 238 16.46 17.45 12.87
C GLY A 238 17.26 17.75 14.13
N LYS A 239 18.17 16.82 14.51
CA LYS A 239 19.07 16.93 15.67
C LYS A 239 20.06 18.10 15.47
N MET A 240 20.65 18.22 14.27
CA MET A 240 21.55 19.34 13.96
C MET A 240 20.73 20.59 13.64
N GLY A 241 21.39 21.75 13.67
CA GLY A 241 20.73 23.03 13.45
C GLY A 241 20.56 23.46 12.02
N GLU A 242 21.11 24.63 11.70
CA GLU A 242 21.08 25.25 10.37
C GLU A 242 21.96 24.47 9.37
N GLN A 243 22.94 23.68 9.88
CA GLN A 243 23.80 22.84 9.05
C GLN A 243 22.92 21.79 8.35
N GLY A 244 21.97 21.24 9.12
CA GLY A 244 21.00 20.28 8.62
C GLY A 244 20.03 20.86 7.62
N GLN A 245 19.69 22.17 7.76
CA GLN A 245 18.75 22.89 6.90
C GLN A 245 19.06 22.79 5.42
N LEU A 246 20.36 22.87 5.02
CA LEU A 246 20.75 22.74 3.62
C LEU A 246 20.26 21.43 3.00
N LEU A 247 20.53 20.28 3.66
CA LEU A 247 20.10 18.97 3.22
C LEU A 247 18.58 18.80 3.25
N VAL A 248 17.91 19.45 4.22
CA VAL A 248 16.45 19.44 4.33
C VAL A 248 15.90 20.12 3.08
N ASP A 249 16.39 21.34 2.78
CA ASP A 249 16.02 22.11 1.59
C ASP A 249 16.31 21.33 0.28
N PHE A 250 17.47 20.60 0.25
CA PHE A 250 17.87 19.77 -0.88
C PHE A 250 16.86 18.67 -1.09
N PHE A 251 16.51 17.94 -0.01
CA PHE A 251 15.56 16.84 -0.07
C PHE A 251 14.11 17.30 -0.26
N ASN A 252 13.82 18.58 0.06
CA ASN A 252 12.51 19.18 -0.12
C ASN A 252 12.28 19.51 -1.59
N SER A 253 13.33 20.05 -2.25
CA SER A 253 13.32 20.38 -3.68
C SER A 253 13.21 19.10 -4.50
N LEU A 254 13.92 18.03 -4.07
CA LEU A 254 13.93 16.72 -4.73
C LEU A 254 12.56 16.02 -4.62
N ASN A 255 11.82 16.29 -3.53
CA ASN A 255 10.49 15.71 -3.30
C ASN A 255 9.48 16.35 -4.24
N GLU A 256 9.44 17.69 -4.28
CA GLU A 256 8.53 18.46 -5.14
C GLU A 256 8.76 18.17 -6.64
N ALA A 257 10.05 18.06 -7.07
CA ALA A 257 10.43 17.79 -8.45
C ALA A 257 9.96 16.42 -8.93
N THR A 258 10.06 15.39 -8.08
CA THR A 258 9.59 14.04 -8.43
C THR A 258 8.07 14.00 -8.38
N MET A 259 7.45 14.86 -7.54
CA MET A 259 6.00 14.97 -7.42
C MET A 259 5.42 15.66 -8.66
N LYS A 260 6.24 16.48 -9.34
CA LYS A 260 5.83 17.15 -10.58
C LYS A 260 5.83 16.13 -11.73
N LEU A 261 6.68 15.11 -11.60
CA LEU A 261 6.79 14.04 -12.59
C LEU A 261 5.59 13.07 -12.53
N VAL A 262 5.00 12.86 -11.32
CA VAL A 262 3.85 11.96 -11.13
C VAL A 262 2.55 12.57 -11.76
N ALA A 263 2.62 13.84 -12.22
CA ALA A 263 1.51 14.49 -12.92
C ALA A 263 1.46 13.97 -14.36
N ILE A 264 2.65 13.71 -14.95
CA ILE A 264 2.86 13.17 -16.31
C ILE A 264 2.47 11.69 -16.33
N ILE A 265 2.85 10.96 -15.25
CA ILE A 265 2.57 9.54 -15.04
C ILE A 265 1.05 9.30 -14.99
N MET A 266 0.30 10.23 -14.35
CA MET A 266 -1.15 10.21 -14.18
C MET A 266 -1.94 10.28 -15.49
N TRP A 267 -1.35 10.89 -16.54
CA TRP A 267 -2.02 11.01 -17.84
C TRP A 267 -1.90 9.74 -18.67
N TYR A 268 -0.82 8.97 -18.44
CA TYR A 268 -0.60 7.72 -19.15
C TYR A 268 -1.41 6.62 -18.48
N ALA A 269 -1.66 6.75 -17.16
CA ALA A 269 -2.43 5.82 -16.32
C ALA A 269 -3.72 5.26 -16.96
N PRO A 270 -4.66 6.05 -17.57
CA PRO A 270 -5.83 5.41 -18.21
C PRO A 270 -5.45 4.36 -19.27
N LEU A 271 -4.44 4.65 -20.12
CA LEU A 271 -3.97 3.73 -21.17
C LEU A 271 -3.33 2.47 -20.56
N GLY A 272 -2.46 2.66 -19.56
CA GLY A 272 -1.75 1.60 -18.86
C GLY A 272 -2.65 0.68 -18.06
N ILE A 273 -3.62 1.25 -17.28
CA ILE A 273 -4.56 0.49 -16.44
C ILE A 273 -5.40 -0.47 -17.27
N LEU A 274 -5.81 -0.05 -18.49
CA LEU A 274 -6.59 -0.85 -19.44
C LEU A 274 -5.87 -2.17 -19.77
N PHE A 275 -4.62 -2.06 -20.26
CA PHE A 275 -3.77 -3.18 -20.66
C PHE A 275 -3.22 -3.99 -19.49
N LEU A 276 -2.97 -3.34 -18.33
CA LEU A 276 -2.46 -3.99 -17.12
C LEU A 276 -3.50 -4.97 -16.53
N ILE A 277 -4.80 -4.62 -16.62
CA ILE A 277 -5.89 -5.48 -16.12
C ILE A 277 -6.40 -6.44 -17.21
N ALA A 278 -6.34 -6.03 -18.50
CA ALA A 278 -6.77 -6.88 -19.61
C ALA A 278 -5.85 -8.10 -19.72
N GLY A 279 -4.55 -7.88 -19.56
CA GLY A 279 -3.52 -8.92 -19.58
C GLY A 279 -3.67 -9.93 -18.46
N LYS A 280 -4.00 -9.44 -17.24
CA LYS A 280 -4.20 -10.28 -16.05
C LYS A 280 -5.46 -11.14 -16.11
N ILE A 281 -6.56 -10.62 -16.70
CA ILE A 281 -7.81 -11.38 -16.84
C ILE A 281 -7.73 -12.35 -18.03
N VAL A 282 -6.57 -12.33 -18.76
CA VAL A 282 -6.25 -13.20 -19.90
C VAL A 282 -5.47 -14.44 -19.41
N GLU A 283 -4.50 -14.23 -18.48
CA GLU A 283 -3.62 -15.25 -17.88
C GLU A 283 -4.35 -16.49 -17.37
N LEU A 294 -12.49 -23.14 -3.21
CA LEU A 294 -12.01 -21.80 -3.57
C LEU A 294 -13.17 -20.83 -3.87
N GLY A 295 -14.36 -21.38 -4.11
CA GLY A 295 -15.57 -20.62 -4.40
C GLY A 295 -15.98 -19.74 -3.24
N MET A 296 -16.24 -20.36 -2.07
CA MET A 296 -16.62 -19.66 -0.83
C MET A 296 -15.48 -18.79 -0.32
N TYR A 297 -14.22 -19.23 -0.49
CA TYR A 297 -12.99 -18.55 -0.08
C TYR A 297 -12.84 -17.16 -0.72
N MET A 298 -12.86 -17.10 -2.06
CA MET A 298 -12.76 -15.88 -2.86
C MET A 298 -13.89 -14.91 -2.48
N VAL A 299 -15.09 -15.45 -2.21
CA VAL A 299 -16.27 -14.68 -1.80
C VAL A 299 -16.03 -14.11 -0.39
N THR A 300 -15.64 -14.96 0.59
CA THR A 300 -15.36 -14.57 1.99
C THR A 300 -14.35 -13.42 2.07
N VAL A 301 -13.27 -13.49 1.27
CA VAL A 301 -12.23 -12.45 1.24
C VAL A 301 -12.80 -11.15 0.65
N ILE A 302 -13.39 -11.21 -0.58
CA ILE A 302 -13.96 -10.05 -1.28
C ILE A 302 -15.06 -9.37 -0.43
N VAL A 303 -16.00 -10.16 0.13
CA VAL A 303 -17.07 -9.62 1.00
C VAL A 303 -16.44 -9.06 2.29
N GLY A 304 -15.44 -9.76 2.83
CA GLY A 304 -14.69 -9.35 4.02
C GLY A 304 -13.98 -8.02 3.85
N LEU A 305 -13.48 -7.74 2.63
CA LEU A 305 -12.81 -6.48 2.31
C LEU A 305 -13.80 -5.34 2.15
N VAL A 306 -15.07 -5.64 1.77
CA VAL A 306 -16.14 -4.65 1.60
C VAL A 306 -16.60 -4.17 2.98
N ILE A 307 -16.80 -5.11 3.93
CA ILE A 307 -17.21 -4.82 5.31
C ILE A 307 -16.14 -3.96 5.99
N HIS A 308 -14.84 -4.28 5.77
CA HIS A 308 -13.74 -3.52 6.35
C HIS A 308 -13.50 -2.18 5.64
N GLY A 309 -13.32 -2.22 4.33
CA GLY A 309 -13.04 -1.07 3.49
C GLY A 309 -14.15 -0.05 3.30
N LEU A 310 -15.40 -0.52 3.16
CA LEU A 310 -16.53 0.39 2.93
C LEU A 310 -17.45 0.59 4.14
N ILE A 311 -17.22 -0.13 5.25
CA ILE A 311 -18.06 0.03 6.45
C ILE A 311 -17.21 0.27 7.72
N VAL A 312 -16.16 -0.56 7.98
CA VAL A 312 -15.31 -0.44 9.16
C VAL A 312 -14.46 0.83 9.12
N LEU A 313 -13.54 0.96 8.14
CA LEU A 313 -12.63 2.11 7.99
C LEU A 313 -13.37 3.47 7.81
N PRO A 314 -14.44 3.60 6.97
CA PRO A 314 -15.11 4.91 6.85
C PRO A 314 -15.69 5.42 8.17
N LEU A 315 -16.24 4.50 9.00
CA LEU A 315 -16.81 4.79 10.31
C LEU A 315 -15.76 5.35 11.26
N ILE A 316 -14.52 4.82 11.19
CA ILE A 316 -13.37 5.25 12.00
C ILE A 316 -13.04 6.72 11.68
N TYR A 317 -13.07 7.10 10.38
CA TYR A 317 -12.81 8.47 9.91
C TYR A 317 -13.89 9.44 10.44
N PHE A 318 -15.19 9.08 10.31
CA PHE A 318 -16.32 9.88 10.80
C PHE A 318 -16.27 9.99 12.33
N LEU A 319 -15.79 8.95 13.03
CA LEU A 319 -15.70 8.92 14.49
C LEU A 319 -14.62 9.87 15.04
N ILE A 320 -13.55 10.11 14.25
CA ILE A 320 -12.44 10.97 14.65
C ILE A 320 -12.53 12.38 14.04
N THR A 321 -12.55 12.47 12.70
CA THR A 321 -12.58 13.74 11.97
C THR A 321 -13.95 14.42 11.95
N ARG A 322 -15.04 13.62 11.99
CA ARG A 322 -16.44 14.05 11.91
C ARG A 322 -16.75 14.68 10.53
N LYS A 323 -16.05 14.16 9.50
CA LYS A 323 -16.14 14.55 8.08
C LYS A 323 -16.59 13.33 7.27
N ASN A 324 -17.30 13.57 6.14
CA ASN A 324 -17.80 12.50 5.26
C ASN A 324 -16.66 11.71 4.62
N PRO A 325 -16.56 10.39 4.95
CA PRO A 325 -15.45 9.59 4.41
C PRO A 325 -15.54 9.22 2.94
N PHE A 326 -16.76 9.18 2.37
CA PHE A 326 -16.97 8.81 0.96
C PHE A 326 -16.73 9.96 -0.03
N VAL A 327 -16.47 11.18 0.49
CA VAL A 327 -16.11 12.37 -0.29
C VAL A 327 -14.57 12.42 -0.31
N PHE A 328 -13.94 11.90 0.78
CA PHE A 328 -12.50 11.76 0.95
C PHE A 328 -12.00 10.61 0.05
N ILE A 329 -12.79 9.50 -0.05
CA ILE A 329 -12.50 8.32 -0.89
C ILE A 329 -12.58 8.70 -2.39
N ALA A 330 -13.43 9.69 -2.73
CA ALA A 330 -13.59 10.22 -4.08
C ALA A 330 -12.34 11.00 -4.55
N GLY A 331 -11.62 11.60 -3.60
CA GLY A 331 -10.38 12.33 -3.86
C GLY A 331 -9.24 11.38 -4.19
N ILE A 332 -9.09 10.31 -3.38
CA ILE A 332 -8.07 9.27 -3.54
C ILE A 332 -8.54 8.12 -4.44
N LEU A 333 -9.62 8.34 -5.21
CA LEU A 333 -10.22 7.33 -6.09
C LEU A 333 -9.30 6.89 -7.24
N GLN A 334 -8.43 7.81 -7.73
CA GLN A 334 -7.45 7.53 -8.80
C GLN A 334 -6.38 6.56 -8.28
N ALA A 335 -6.02 6.68 -6.99
CA ALA A 335 -5.03 5.85 -6.30
C ALA A 335 -5.53 4.44 -6.06
N LEU A 336 -6.85 4.26 -5.86
CA LEU A 336 -7.48 2.96 -5.64
C LEU A 336 -7.58 2.19 -6.96
N ILE A 337 -8.03 2.88 -8.04
CA ILE A 337 -8.17 2.32 -9.40
C ILE A 337 -6.78 1.84 -9.91
N THR A 338 -5.71 2.60 -9.59
CA THR A 338 -4.33 2.23 -9.97
C THR A 338 -3.81 1.07 -9.10
N ALA A 339 -4.28 0.97 -7.82
CA ALA A 339 -3.90 -0.12 -6.90
C ALA A 339 -4.49 -1.45 -7.38
N LEU A 340 -5.68 -1.39 -8.02
CA LEU A 340 -6.40 -2.51 -8.61
C LEU A 340 -5.60 -3.01 -9.82
N GLY A 341 -5.07 -2.09 -10.60
CA GLY A 341 -4.30 -2.37 -11.81
C GLY A 341 -2.93 -2.95 -11.54
N THR A 342 -2.14 -2.28 -10.67
CA THR A 342 -0.77 -2.69 -10.34
C THR A 342 -0.70 -3.89 -9.39
N SER A 343 -1.56 -3.87 -8.33
CA SER A 343 -1.63 -4.87 -7.25
C SER A 343 -0.41 -4.71 -6.32
N SER A 344 0.22 -3.52 -6.36
CA SER A 344 1.39 -3.16 -5.60
C SER A 344 1.17 -1.79 -4.99
N SER A 345 0.96 -1.72 -3.65
CA SER A 345 0.71 -0.48 -2.91
C SER A 345 1.93 0.44 -2.90
N SER A 346 3.15 -0.15 -3.01
CA SER A 346 4.40 0.61 -3.07
C SER A 346 4.53 1.28 -4.44
N ALA A 347 4.03 0.62 -5.50
CA ALA A 347 4.05 1.17 -6.86
C ALA A 347 3.04 2.30 -7.05
N THR A 348 1.89 2.24 -6.36
CA THR A 348 0.83 3.27 -6.45
C THR A 348 1.00 4.36 -5.40
N LEU A 349 2.06 4.27 -4.57
CA LEU A 349 2.38 5.27 -3.56
C LEU A 349 2.54 6.70 -4.17
N PRO A 350 3.26 6.91 -5.32
CA PRO A 350 3.35 8.29 -5.87
C PRO A 350 2.02 8.93 -6.26
N ILE A 351 1.04 8.12 -6.72
CA ILE A 351 -0.29 8.62 -7.10
C ILE A 351 -1.14 8.90 -5.85
N THR A 352 -0.97 8.10 -4.77
CA THR A 352 -1.70 8.31 -3.49
C THR A 352 -1.22 9.60 -2.82
N PHE A 353 0.04 9.99 -3.10
CA PHE A 353 0.66 11.24 -2.63
C PHE A 353 -0.01 12.40 -3.34
N LYS A 354 -0.09 12.34 -4.69
CA LYS A 354 -0.75 13.37 -5.53
C LYS A 354 -2.26 13.46 -5.23
N CYS A 355 -2.89 12.35 -4.85
CA CYS A 355 -4.30 12.34 -4.50
C CYS A 355 -4.57 12.96 -3.13
N LEU A 356 -3.76 12.61 -2.12
CA LEU A 356 -3.91 13.15 -0.78
C LEU A 356 -3.43 14.59 -0.68
N GLU A 357 -2.37 14.95 -1.42
CA GLU A 357 -1.83 16.32 -1.39
C GLU A 357 -2.65 17.30 -2.21
N GLU A 358 -3.14 16.88 -3.40
CA GLU A 358 -3.89 17.77 -4.30
C GLU A 358 -5.42 17.64 -4.23
N ASN A 359 -5.97 16.45 -4.49
CA ASN A 359 -7.43 16.22 -4.49
C ASN A 359 -8.08 16.45 -3.11
N ASN A 360 -7.36 16.10 -2.02
CA ASN A 360 -7.78 16.31 -0.62
C ASN A 360 -6.86 17.35 0.02
N GLY A 361 -7.30 17.95 1.12
CA GLY A 361 -6.55 19.00 1.81
C GLY A 361 -5.61 18.51 2.89
N VAL A 362 -4.92 17.39 2.63
CA VAL A 362 -3.98 16.80 3.59
C VAL A 362 -2.61 17.47 3.51
N ASP A 363 -1.99 17.70 4.68
CA ASP A 363 -0.69 18.36 4.83
C ASP A 363 0.45 17.46 4.39
N LYS A 364 1.44 18.06 3.70
CA LYS A 364 2.64 17.38 3.22
C LYS A 364 3.46 16.88 4.41
N ARG A 365 3.53 17.67 5.51
CA ARG A 365 4.27 17.32 6.73
C ARG A 365 3.80 16.03 7.37
N ILE A 366 2.53 15.63 7.15
CA ILE A 366 1.99 14.40 7.71
C ILE A 366 1.90 13.26 6.65
N THR A 367 1.70 13.58 5.33
CA THR A 367 1.65 12.56 4.26
C THR A 367 3.05 11.99 3.97
N ARG A 368 4.09 12.80 4.23
CA ARG A 368 5.49 12.43 4.05
C ARG A 368 5.93 11.35 5.04
N PHE A 369 5.16 11.17 6.14
CA PHE A 369 5.43 10.13 7.13
C PHE A 369 4.42 9.00 7.04
N VAL A 370 3.11 9.31 7.13
CA VAL A 370 2.01 8.34 7.11
C VAL A 370 2.01 7.46 5.84
N LEU A 371 2.06 8.06 4.63
CA LEU A 371 2.05 7.29 3.37
C LEU A 371 3.26 6.35 3.17
N PRO A 372 4.57 6.75 3.26
CA PRO A 372 5.66 5.78 3.04
C PRO A 372 5.73 4.66 4.08
N VAL A 373 5.44 4.96 5.36
CA VAL A 373 5.43 3.98 6.45
C VAL A 373 4.21 3.05 6.30
N GLY A 374 3.04 3.64 6.01
CA GLY A 374 1.80 2.90 5.79
C GLY A 374 1.87 1.92 4.63
N ALA A 375 2.63 2.27 3.59
CA ALA A 375 2.81 1.45 2.39
C ALA A 375 3.55 0.16 2.66
N THR A 376 4.43 0.12 3.68
CA THR A 376 5.21 -1.07 3.99
C THR A 376 4.72 -1.84 5.25
N ILE A 377 4.16 -1.15 6.27
CA ILE A 377 3.73 -1.85 7.49
C ILE A 377 2.19 -1.94 7.63
N ASN A 378 1.44 -0.88 7.27
CA ASN A 378 -0.03 -0.88 7.38
C ASN A 378 -0.72 -1.61 6.23
N MET A 379 -1.03 -2.89 6.44
CA MET A 379 -1.67 -3.72 5.43
C MET A 379 -2.91 -4.43 5.98
N ASP A 380 -4.04 -3.69 6.08
CA ASP A 380 -5.33 -4.16 6.58
C ASP A 380 -5.97 -5.23 5.68
N GLY A 381 -5.87 -5.03 4.36
CA GLY A 381 -6.39 -5.93 3.34
C GLY A 381 -5.66 -7.25 3.28
N THR A 382 -4.34 -7.22 3.55
CA THR A 382 -3.47 -8.40 3.58
C THR A 382 -3.74 -9.18 4.87
N ALA A 383 -3.84 -8.48 6.03
CA ALA A 383 -4.13 -9.07 7.35
C ALA A 383 -5.45 -9.85 7.38
N LEU A 384 -6.50 -9.33 6.70
CA LEU A 384 -7.82 -9.94 6.58
C LEU A 384 -7.68 -11.21 5.73
N TYR A 385 -6.93 -11.12 4.61
CA TYR A 385 -6.64 -12.20 3.66
C TYR A 385 -5.85 -13.34 4.31
N GLU A 386 -4.80 -13.00 5.10
CA GLU A 386 -3.92 -13.92 5.82
C GLU A 386 -4.71 -14.83 6.76
N ALA A 387 -5.65 -14.23 7.53
CA ALA A 387 -6.50 -14.91 8.50
C ALA A 387 -7.49 -15.86 7.81
N VAL A 388 -8.16 -15.40 6.73
CA VAL A 388 -9.14 -16.19 5.99
C VAL A 388 -8.48 -17.37 5.25
N ALA A 389 -7.34 -17.12 4.57
CA ALA A 389 -6.61 -18.15 3.82
C ALA A 389 -5.98 -19.25 4.70
N ALA A 390 -5.58 -18.91 5.93
CA ALA A 390 -5.00 -19.89 6.86
C ALA A 390 -6.07 -20.82 7.42
N ILE A 391 -7.29 -20.29 7.66
CA ILE A 391 -8.44 -21.03 8.19
C ILE A 391 -9.19 -21.75 7.05
N PHE A 392 -9.11 -21.25 5.80
CA PHE A 392 -9.75 -21.91 4.65
C PHE A 392 -9.05 -23.23 4.35
N ILE A 393 -7.71 -23.29 4.49
CA ILE A 393 -6.95 -24.55 4.29
C ILE A 393 -7.25 -25.49 5.48
N ALA A 394 -7.53 -24.90 6.67
CA ALA A 394 -7.89 -25.61 7.90
C ALA A 394 -9.34 -26.11 7.83
N GLN A 395 -10.15 -25.60 6.88
CA GLN A 395 -11.53 -26.04 6.68
C GLN A 395 -11.51 -27.41 5.98
N VAL A 396 -10.45 -27.65 5.19
CA VAL A 396 -10.24 -28.90 4.46
C VAL A 396 -9.38 -29.88 5.30
N ASN A 397 -8.21 -29.41 5.79
CA ASN A 397 -7.25 -30.18 6.58
C ASN A 397 -7.63 -30.42 8.05
N ASN A 398 -8.21 -29.40 8.72
CA ASN A 398 -8.65 -29.36 10.13
C ASN A 398 -7.56 -29.75 11.13
N GLY A 404 -9.56 -22.79 19.16
CA GLY A 404 -8.94 -22.33 20.39
C GLY A 404 -7.66 -21.54 20.19
N GLN A 405 -6.74 -22.10 19.37
CA GLN A 405 -5.43 -21.52 19.03
C GLN A 405 -5.50 -20.57 17.80
N ILE A 406 -6.61 -19.83 17.69
CA ILE A 406 -6.83 -18.85 16.62
C ILE A 406 -6.18 -17.52 17.08
N ILE A 407 -5.79 -17.46 18.37
CA ILE A 407 -5.09 -16.33 18.98
C ILE A 407 -3.68 -16.19 18.37
N THR A 408 -3.01 -17.33 18.08
CA THR A 408 -1.70 -17.39 17.44
C THR A 408 -1.83 -16.94 15.98
N ILE A 409 -2.95 -17.32 15.32
CA ILE A 409 -3.29 -16.95 13.94
C ILE A 409 -3.49 -15.43 13.88
N SER A 410 -4.25 -14.85 14.83
CA SER A 410 -4.48 -13.40 14.89
C SER A 410 -3.20 -12.63 15.21
N ILE A 411 -2.28 -13.25 15.98
CA ILE A 411 -1.00 -12.64 16.35
C ILE A 411 -0.03 -12.68 15.17
N THR A 412 0.10 -13.85 14.49
CA THR A 412 1.02 -14.02 13.36
C THR A 412 0.49 -13.45 12.03
N ALA A 413 -0.85 -13.38 11.83
CA ALA A 413 -1.43 -12.79 10.61
C ALA A 413 -1.25 -11.28 10.61
N THR A 414 -1.28 -10.66 11.81
CA THR A 414 -1.03 -9.23 12.00
C THR A 414 0.49 -9.01 11.86
N ALA A 415 1.31 -10.01 12.30
CA ALA A 415 2.77 -9.98 12.20
C ALA A 415 3.23 -10.14 10.76
N ALA A 416 2.49 -10.94 9.95
CA ALA A 416 2.77 -11.19 8.53
C ALA A 416 2.42 -9.96 7.71
N SER A 417 1.35 -9.24 8.12
CA SER A 417 0.86 -8.00 7.51
C SER A 417 1.94 -6.90 7.57
N ILE A 418 2.71 -6.86 8.68
CA ILE A 418 3.80 -5.90 8.87
C ILE A 418 5.00 -6.29 7.98
N GLY A 419 5.39 -7.58 8.06
CA GLY A 419 6.50 -8.14 7.31
C GLY A 419 6.34 -8.12 5.81
N ALA A 420 5.10 -8.33 5.31
CA ALA A 420 4.76 -8.35 3.88
C ALA A 420 5.16 -7.08 3.15
N ALA A 421 5.56 -7.24 1.88
CA ALA A 421 6.01 -6.17 1.00
C ALA A 421 4.86 -5.53 0.25
N GLY A 422 4.99 -4.23 -0.05
CA GLY A 422 4.00 -3.48 -0.82
C GLY A 422 4.08 -3.82 -2.30
N ILE A 423 4.49 -5.06 -2.59
CA ILE A 423 4.71 -5.66 -3.90
C ILE A 423 3.57 -6.67 -4.22
N PRO A 424 3.27 -7.01 -5.50
CA PRO A 424 2.20 -7.99 -5.77
C PRO A 424 2.60 -9.42 -5.43
N GLN A 425 1.60 -10.26 -5.06
CA GLN A 425 1.71 -11.67 -4.65
C GLN A 425 2.50 -11.88 -3.34
N ALA A 426 2.79 -10.79 -2.59
CA ALA A 426 3.51 -10.83 -1.31
C ALA A 426 2.69 -11.48 -0.16
N GLY A 427 1.38 -11.62 -0.38
CA GLY A 427 0.46 -12.21 0.58
C GLY A 427 0.57 -13.72 0.71
N LEU A 428 0.82 -14.41 -0.43
CA LEU A 428 0.94 -15.87 -0.43
C LEU A 428 2.30 -16.36 0.11
N VAL A 429 3.38 -15.57 -0.10
CA VAL A 429 4.72 -15.92 0.38
C VAL A 429 4.85 -15.73 1.92
N THR A 430 4.15 -14.72 2.49
CA THR A 430 4.16 -14.42 3.93
C THR A 430 3.20 -15.33 4.72
N MET A 431 2.39 -16.14 4.00
CA MET A 431 1.43 -17.08 4.58
C MET A 431 2.16 -18.29 5.22
N VAL A 432 3.47 -18.44 4.91
CA VAL A 432 4.36 -19.47 5.43
C VAL A 432 4.47 -19.31 6.95
N ILE A 433 4.60 -18.05 7.44
CA ILE A 433 4.70 -17.67 8.84
C ILE A 433 3.43 -18.04 9.63
N VAL A 434 2.23 -17.66 9.11
CA VAL A 434 0.95 -17.93 9.76
C VAL A 434 0.57 -19.44 9.71
N LEU A 435 1.06 -20.21 8.70
CA LEU A 435 0.79 -21.66 8.60
C LEU A 435 1.65 -22.50 9.54
N THR A 436 2.97 -22.19 9.62
CA THR A 436 3.93 -22.88 10.47
C THR A 436 3.64 -22.62 11.96
N ALA A 437 3.14 -21.41 12.30
CA ALA A 437 2.80 -21.01 13.67
C ALA A 437 1.68 -21.87 14.26
N VAL A 438 0.60 -22.09 13.48
CA VAL A 438 -0.54 -22.91 13.90
C VAL A 438 -0.19 -24.42 13.80
N GLY A 439 0.57 -24.78 12.77
CA GLY A 439 1.01 -26.16 12.54
C GLY A 439 0.66 -26.73 11.19
N LEU A 440 -0.18 -26.02 10.40
CA LEU A 440 -0.63 -26.44 9.08
C LEU A 440 0.52 -26.47 8.04
N PRO A 441 0.48 -27.35 7.00
CA PRO A 441 1.59 -27.38 6.03
C PRO A 441 1.59 -26.23 5.03
N THR A 442 2.80 -25.69 4.75
CA THR A 442 3.00 -24.55 3.84
C THR A 442 2.75 -24.92 2.36
N ASP A 443 2.73 -26.22 2.02
CA ASP A 443 2.49 -26.69 0.66
C ASP A 443 1.05 -26.45 0.18
N ASP A 444 0.13 -26.10 1.10
CA ASP A 444 -1.28 -25.83 0.81
C ASP A 444 -1.52 -24.45 0.16
N ILE A 445 -0.48 -23.60 0.07
CA ILE A 445 -0.53 -22.27 -0.56
C ILE A 445 -0.78 -22.44 -2.08
N THR A 446 -0.29 -23.56 -2.66
CA THR A 446 -0.41 -23.96 -4.07
C THR A 446 -1.85 -23.95 -4.60
N LEU A 447 -2.82 -24.39 -3.77
CA LEU A 447 -4.25 -24.45 -4.11
C LEU A 447 -4.85 -23.06 -4.27
N ILE A 448 -4.48 -22.13 -3.36
CA ILE A 448 -4.95 -20.74 -3.29
C ILE A 448 -4.36 -19.86 -4.41
N ILE A 449 -3.08 -20.09 -4.79
CA ILE A 449 -2.28 -19.36 -5.80
C ILE A 449 -3.07 -19.00 -7.08
N ALA A 450 -3.95 -19.90 -7.56
CA ALA A 450 -4.78 -19.72 -8.76
C ALA A 450 -5.70 -18.48 -8.71
N VAL A 451 -6.55 -18.37 -7.68
CA VAL A 451 -7.49 -17.26 -7.52
C VAL A 451 -6.87 -16.04 -6.79
N ASP A 452 -5.64 -16.20 -6.23
CA ASP A 452 -4.88 -15.17 -5.50
C ASP A 452 -4.77 -13.82 -6.21
N TRP A 453 -4.47 -13.83 -7.53
CA TRP A 453 -4.26 -12.64 -8.36
C TRP A 453 -5.37 -11.60 -8.23
N LEU A 454 -6.66 -12.01 -8.37
CA LEU A 454 -7.82 -11.11 -8.28
C LEU A 454 -8.03 -10.58 -6.87
N LEU A 455 -7.79 -11.41 -5.84
CA LEU A 455 -7.91 -11.03 -4.42
C LEU A 455 -6.82 -10.03 -4.05
N ASP A 456 -5.63 -10.19 -4.66
CA ASP A 456 -4.49 -9.31 -4.47
C ASP A 456 -4.82 -7.88 -4.90
N ARG A 457 -5.51 -7.72 -6.06
CA ARG A 457 -5.94 -6.41 -6.60
C ARG A 457 -6.87 -5.69 -5.62
N PHE A 458 -7.80 -6.43 -5.00
CA PHE A 458 -8.74 -5.85 -4.05
C PHE A 458 -8.11 -5.58 -2.69
N ARG A 459 -7.24 -6.50 -2.20
CA ARG A 459 -6.59 -6.32 -0.91
C ARG A 459 -5.58 -5.17 -0.94
N THR A 460 -4.99 -4.87 -2.13
CA THR A 460 -4.07 -3.74 -2.33
C THR A 460 -4.86 -2.43 -2.19
N MET A 461 -6.09 -2.39 -2.73
CA MET A 461 -7.01 -1.26 -2.67
C MET A 461 -7.38 -0.92 -1.23
N VAL A 462 -7.55 -1.94 -0.37
CA VAL A 462 -7.87 -1.78 1.05
C VAL A 462 -6.60 -1.37 1.84
N ASN A 463 -5.41 -1.87 1.42
CA ASN A 463 -4.10 -1.57 1.99
C ASN A 463 -3.76 -0.09 1.79
N VAL A 464 -4.07 0.46 0.58
CA VAL A 464 -3.87 1.86 0.16
C VAL A 464 -4.86 2.74 0.94
N LEU A 465 -6.16 2.35 0.95
CA LEU A 465 -7.28 3.03 1.62
C LEU A 465 -7.02 3.28 3.10
N GLY A 466 -6.38 2.32 3.77
CA GLY A 466 -6.00 2.40 5.17
C GLY A 466 -4.98 3.48 5.44
N ASP A 467 -4.03 3.68 4.49
CA ASP A 467 -2.99 4.72 4.56
C ASP A 467 -3.60 6.09 4.26
N ALA A 468 -4.47 6.15 3.21
CA ALA A 468 -5.17 7.35 2.74
C ALA A 468 -6.07 7.91 3.83
N LEU A 469 -6.98 7.08 4.39
CA LEU A 469 -7.84 7.50 5.50
C LEU A 469 -7.03 7.69 6.78
N GLY A 470 -5.88 7.02 6.85
CA GLY A 470 -4.93 7.11 7.95
C GLY A 470 -4.34 8.50 8.09
N ALA A 471 -3.85 9.07 6.96
CA ALA A 471 -3.30 10.42 6.89
C ALA A 471 -4.33 11.46 7.37
N GLY A 472 -5.56 11.35 6.87
CA GLY A 472 -6.67 12.21 7.25
C GLY A 472 -7.00 12.16 8.73
N ILE A 473 -6.90 10.95 9.33
CA ILE A 473 -7.13 10.71 10.76
C ILE A 473 -6.00 11.32 11.61
N VAL A 474 -4.72 11.04 11.26
CA VAL A 474 -3.54 11.52 11.97
C VAL A 474 -3.39 13.06 11.84
N GLU A 475 -3.72 13.63 10.65
CA GLU A 475 -3.67 15.07 10.37
C GLU A 475 -4.58 15.83 11.35
N HIS A 476 -5.86 15.40 11.43
CA HIS A 476 -6.88 15.97 12.29
C HIS A 476 -6.49 15.89 13.76
N LEU A 477 -5.90 14.74 14.18
CA LEU A 477 -5.44 14.50 15.55
C LEU A 477 -4.23 15.37 15.92
N SER A 478 -3.26 15.53 14.97
CA SER A 478 -2.06 16.34 15.16
C SER A 478 -2.29 17.79 14.69
N ARG A 479 -3.41 18.37 15.14
CA ARG A 479 -3.86 19.73 14.83
C ARG A 479 -2.94 20.84 15.40
N LYS A 480 -2.71 20.81 16.74
CA LYS A 480 -1.88 21.79 17.47
C LYS A 480 -0.42 21.76 17.03
N GLU A 481 0.12 20.56 16.71
CA GLU A 481 1.49 20.36 16.25
C GLU A 481 1.76 21.17 14.96
N LEU A 482 0.79 21.13 14.02
CA LEU A 482 0.84 21.86 12.75
C LEU A 482 0.53 23.36 12.97
N GLU A 483 -0.25 23.68 14.03
CA GLU A 483 -0.60 25.05 14.41
C GLU A 483 0.65 25.77 14.95
N LYS A 484 1.44 25.07 15.79
CA LYS A 484 2.68 25.58 16.39
C LYS A 484 3.78 25.80 15.33
N GLN A 485 3.85 24.90 14.33
CA GLN A 485 4.83 24.99 13.24
C GLN A 485 4.53 26.10 12.23
N ASP A 486 3.22 26.40 12.01
CA ASP A 486 2.78 27.45 11.07
C ASP A 486 2.99 28.84 11.64
N ALA A 487 2.58 29.06 12.90
CA ALA A 487 2.71 30.35 13.60
C ALA A 487 4.16 30.72 13.88
N GLU A 488 5.04 29.70 14.07
CA GLU A 488 6.48 29.84 14.33
C GLU A 488 7.16 30.63 13.20
N LEU A 489 6.82 30.30 11.94
CA LEU A 489 7.36 30.92 10.72
C LEU A 489 6.97 32.39 10.56
N GLY A 490 5.83 32.78 11.12
CA GLY A 490 5.33 34.16 11.08
C GLY A 490 6.14 35.13 11.90
#